data_3PXK
#
_entry.id   3PXK
#
_cell.length_a   45.431
_cell.length_b   50.873
_cell.length_c   66.894
_cell.angle_alpha   98.16
_cell.angle_beta   101.98
_cell.angle_gamma   93.54
#
_symmetry.space_group_name_H-M   'P 1'
#
loop_
_entity.id
_entity.type
_entity.pdbx_description
1 polymer 'PTK2 protein'
2 non-polymer 6-(4,4-dimethylpent-2-ynyl)-4~{H}-pyrrolo[2,3-d][1,3]thiazole
3 non-polymer 'SULFATE ION'
4 water water
#
_entity_poly.entity_id   1
_entity_poly.type   'polypeptide(L)'
_entity_poly.pdbx_seq_one_letter_code
;GSGSTRDYEIQRERIELGRCIGEGQFGDVHQGIYMSPENPALAVAIKTCKNCTSDSVREKFLQEALTMRQFDHPHIVKLI
GVITENPVWIIMELCTLGELRSFLQVRKYSLDLASLILYAYQLSTALAYLESKRFVHRDIAARNVLVSSNDCVKLGDFGL
SRYMEDSTYYKASKGKLPIKWMAPESINFRRFTSASDVWMFGVCMWEILMHGVKPFQGVKNNDVIGRIENGERLPMPPNC
PPTLYSLMTKCWAYDPSRRPRFTELKAQLSTILEEEKAQQEE
;
_entity_poly.pdbx_strand_id   A,B
#
loop_
_chem_comp.id
_chem_comp.type
_chem_comp.name
_chem_comp.formula
PXK non-polymer 6-(4,4-dimethylpent-2-ynyl)-4~{H}-pyrrolo[2,3-d][1,3]thiazole 'C12 H14 N2 S'
SO4 non-polymer 'SULFATE ION' 'O4 S -2'
#
# COMPACT_ATOMS: atom_id res chain seq x y z
N TYR A 8 -7.25 -6.39 17.08
CA TYR A 8 -7.11 -5.74 18.39
C TYR A 8 -8.45 -5.23 18.94
N GLU A 9 -8.57 -5.19 20.28
CA GLU A 9 -9.75 -4.71 20.99
C GLU A 9 -9.89 -3.20 20.81
N ILE A 10 -11.12 -2.76 20.43
CA ILE A 10 -11.42 -1.34 20.21
C ILE A 10 -12.46 -0.88 21.25
N GLN A 11 -12.28 0.34 21.78
CA GLN A 11 -13.23 0.92 22.72
C GLN A 11 -14.47 1.31 21.92
N ARG A 12 -15.67 0.92 22.40
CA ARG A 12 -16.92 1.24 21.71
C ARG A 12 -17.15 2.72 21.48
N GLU A 13 -16.67 3.58 22.41
CA GLU A 13 -16.76 5.03 22.34
C GLU A 13 -16.05 5.59 21.08
N ARG A 14 -15.09 4.83 20.51
CA ARG A 14 -14.34 5.21 19.31
C ARG A 14 -15.09 4.83 18.01
N ILE A 15 -16.27 4.16 18.14
CA ILE A 15 -17.07 3.74 17.00
C ILE A 15 -18.41 4.44 17.03
N GLU A 16 -18.77 5.06 15.91
CA GLU A 16 -20.07 5.69 15.72
C GLU A 16 -20.79 4.82 14.68
N LEU A 17 -21.84 4.12 15.11
CA LEU A 17 -22.61 3.24 14.24
C LEU A 17 -23.50 4.06 13.31
N GLY A 18 -23.35 3.80 12.02
CA GLY A 18 -24.10 4.47 10.96
C GLY A 18 -25.13 3.55 10.36
N ARG A 19 -25.45 3.79 9.08
CA ARG A 19 -26.45 3.12 8.24
C ARG A 19 -26.19 1.61 8.04
N CYS A 20 -27.27 0.79 8.00
CA CYS A 20 -27.18 -0.62 7.65
C CYS A 20 -26.86 -0.70 6.15
N ILE A 21 -25.83 -1.47 5.80
CA ILE A 21 -25.33 -1.63 4.42
C ILE A 21 -25.41 -3.06 3.89
N GLY A 22 -25.98 -3.95 4.67
CA GLY A 22 -26.10 -5.35 4.29
C GLY A 22 -26.51 -6.26 5.42
N GLU A 23 -26.75 -7.52 5.09
CA GLU A 23 -27.17 -8.51 6.09
C GLU A 23 -26.24 -9.70 6.00
N GLY A 24 -25.50 -9.95 7.10
CA GLY A 24 -24.59 -11.07 7.18
C GLY A 24 -25.30 -12.25 7.84
N GLN A 25 -24.61 -13.40 7.88
CA GLN A 25 -25.10 -14.64 8.50
C GLN A 25 -25.40 -14.44 10.01
N PHE A 26 -24.61 -13.61 10.70
CA PHE A 26 -24.81 -13.37 12.13
C PHE A 26 -25.68 -12.16 12.48
N GLY A 27 -25.88 -11.27 11.52
CA GLY A 27 -26.69 -10.08 11.71
C GLY A 27 -26.40 -8.98 10.71
N ASP A 28 -26.98 -7.80 10.95
CA ASP A 28 -26.79 -6.68 10.03
C ASP A 28 -25.37 -6.17 10.01
N VAL A 29 -24.93 -5.65 8.86
CA VAL A 29 -23.62 -5.03 8.66
C VAL A 29 -23.94 -3.57 8.47
N HIS A 30 -23.18 -2.72 9.16
CA HIS A 30 -23.38 -1.28 9.07
C HIS A 30 -22.12 -0.61 8.61
N GLN A 31 -22.27 0.62 8.12
CA GLN A 31 -21.12 1.46 7.89
C GLN A 31 -21.08 2.34 9.14
N GLY A 32 -19.93 2.89 9.43
CA GLY A 32 -19.77 3.75 10.60
C GLY A 32 -18.45 4.47 10.57
N ILE A 33 -18.11 5.11 11.69
CA ILE A 33 -16.88 5.88 11.76
C ILE A 33 -16.05 5.40 12.94
N TYR A 34 -14.76 5.22 12.70
CA TYR A 34 -13.78 4.85 13.71
C TYR A 34 -12.89 6.08 13.96
N MET A 35 -12.91 6.54 15.20
CA MET A 35 -12.11 7.69 15.62
C MET A 35 -11.00 7.27 16.58
N SER A 36 -9.80 7.08 16.03
CA SER A 36 -8.59 6.66 16.75
C SER A 36 -7.61 7.83 16.84
N PRO A 37 -6.66 7.89 17.81
CA PRO A 37 -5.70 9.00 17.83
C PRO A 37 -4.77 9.00 16.61
N GLU A 38 -4.45 7.81 16.07
CA GLU A 38 -3.58 7.62 14.90
C GLU A 38 -4.06 8.38 13.66
N ASN A 39 -5.13 7.88 13.06
CA ASN A 39 -5.68 8.40 11.83
C ASN A 39 -6.87 9.30 12.07
N PRO A 40 -7.09 10.35 11.23
CA PRO A 40 -8.34 11.13 11.36
C PRO A 40 -9.55 10.19 11.20
N ALA A 41 -10.76 10.62 11.62
CA ALA A 41 -12.01 9.84 11.51
C ALA A 41 -12.06 9.03 10.20
N LEU A 42 -12.17 7.70 10.34
CA LEU A 42 -12.16 6.76 9.22
C LEU A 42 -13.51 6.06 9.04
N ALA A 43 -14.03 6.02 7.79
CA ALA A 43 -15.25 5.27 7.46
C ALA A 43 -14.88 3.78 7.47
N VAL A 44 -15.68 2.99 8.20
CA VAL A 44 -15.44 1.55 8.41
C VAL A 44 -16.74 0.76 8.24
N ALA A 45 -16.61 -0.59 8.17
CA ALA A 45 -17.75 -1.51 8.15
C ALA A 45 -17.83 -2.17 9.52
N ILE A 46 -19.04 -2.36 10.01
CA ILE A 46 -19.24 -2.95 11.32
C ILE A 46 -20.16 -4.16 11.17
N LYS A 47 -19.62 -5.34 11.44
CA LYS A 47 -20.42 -6.57 11.44
C LYS A 47 -21.02 -6.73 12.82
N THR A 48 -22.35 -6.89 12.88
CA THR A 48 -23.03 -7.10 14.18
C THR A 48 -23.45 -8.57 14.31
N CYS A 49 -23.81 -8.97 15.54
CA CYS A 49 -24.15 -10.35 15.80
C CYS A 49 -25.35 -10.38 16.72
N LYS A 50 -26.52 -10.63 16.12
CA LYS A 50 -27.82 -10.64 16.80
C LYS A 50 -27.84 -11.53 18.06
N ASN A 51 -27.31 -12.76 17.96
CA ASN A 51 -27.35 -13.73 19.07
C ASN A 51 -26.02 -13.99 19.81
N CYS A 52 -25.08 -13.02 19.79
CA CYS A 52 -23.77 -13.21 20.42
C CYS A 52 -23.72 -13.27 21.96
N THR A 53 -24.89 -13.15 22.61
CA THR A 53 -25.05 -13.34 24.05
C THR A 53 -24.78 -14.85 24.36
N SER A 54 -25.06 -15.74 23.38
CA SER A 54 -24.79 -17.19 23.45
C SER A 54 -23.31 -17.37 23.16
N ASP A 55 -22.54 -17.98 24.11
CA ASP A 55 -21.09 -18.17 23.93
C ASP A 55 -20.73 -18.98 22.70
N SER A 56 -21.54 -20.01 22.34
CA SER A 56 -21.29 -20.83 21.15
C SER A 56 -21.36 -19.99 19.85
N VAL A 57 -22.36 -19.09 19.78
CA VAL A 57 -22.59 -18.18 18.65
C VAL A 57 -21.44 -17.16 18.58
N ARG A 58 -21.10 -16.57 19.75
CA ARG A 58 -20.01 -15.58 19.87
C ARG A 58 -18.69 -16.16 19.40
N GLU A 59 -18.39 -17.42 19.79
CA GLU A 59 -17.15 -18.10 19.37
C GLU A 59 -17.07 -18.22 17.86
N LYS A 60 -18.19 -18.59 17.21
CA LYS A 60 -18.28 -18.74 15.75
C LYS A 60 -18.10 -17.41 15.05
N PHE A 61 -18.82 -16.38 15.54
CA PHE A 61 -18.74 -15.03 15.01
C PHE A 61 -17.32 -14.48 15.06
N LEU A 62 -16.69 -14.54 16.24
CA LEU A 62 -15.36 -14.02 16.46
C LEU A 62 -14.23 -14.83 15.82
N GLN A 63 -14.49 -16.10 15.49
CA GLN A 63 -13.52 -16.94 14.78
C GLN A 63 -13.13 -16.32 13.43
N GLU A 64 -14.09 -15.66 12.72
CA GLU A 64 -13.78 -15.00 11.45
C GLU A 64 -12.73 -13.89 11.62
N ALA A 65 -12.79 -13.16 12.75
CA ALA A 65 -11.86 -12.06 13.04
C ALA A 65 -10.49 -12.65 13.31
N LEU A 66 -10.43 -13.74 14.07
CA LEU A 66 -9.18 -14.43 14.36
C LEU A 66 -8.50 -14.88 13.03
N THR A 67 -9.29 -15.44 12.11
CA THR A 67 -8.77 -15.91 10.80
C THR A 67 -8.24 -14.74 9.98
N MET A 68 -9.04 -13.67 9.87
CA MET A 68 -8.73 -12.52 9.04
C MET A 68 -7.48 -11.75 9.41
N ARG A 69 -7.16 -11.70 10.72
CA ARG A 69 -6.00 -10.97 11.25
C ARG A 69 -4.65 -11.50 10.78
N GLN A 70 -4.63 -12.74 10.34
CA GLN A 70 -3.42 -13.42 9.84
C GLN A 70 -3.01 -12.92 8.44
N PHE A 71 -3.93 -12.26 7.70
CA PHE A 71 -3.64 -11.88 6.31
C PHE A 71 -3.32 -10.42 6.07
N ASP A 72 -2.49 -10.19 5.06
CA ASP A 72 -2.12 -8.84 4.62
C ASP A 72 -1.95 -8.93 3.11
N HIS A 73 -3.02 -8.58 2.39
CA HIS A 73 -2.99 -8.62 0.93
C HIS A 73 -3.87 -7.51 0.36
N PRO A 74 -3.44 -6.86 -0.77
CA PRO A 74 -4.27 -5.77 -1.34
C PRO A 74 -5.70 -6.16 -1.76
N HIS A 75 -5.95 -7.47 -1.98
CA HIS A 75 -7.26 -7.93 -2.42
C HIS A 75 -7.97 -8.79 -1.42
N ILE A 76 -7.60 -8.61 -0.13
CA ILE A 76 -8.28 -9.27 0.99
C ILE A 76 -8.66 -8.15 1.95
N VAL A 77 -9.93 -8.12 2.35
CA VAL A 77 -10.45 -7.14 3.31
C VAL A 77 -9.65 -7.24 4.61
N LYS A 78 -9.30 -6.07 5.18
CA LYS A 78 -8.55 -5.96 6.42
C LYS A 78 -9.43 -5.90 7.65
N LEU A 79 -9.01 -6.59 8.71
CA LEU A 79 -9.64 -6.51 10.02
C LEU A 79 -9.07 -5.25 10.69
N ILE A 80 -9.94 -4.40 11.19
CA ILE A 80 -9.54 -3.20 11.90
C ILE A 80 -9.47 -3.48 13.41
N GLY A 81 -10.46 -4.19 13.93
CA GLY A 81 -10.53 -4.57 15.32
C GLY A 81 -11.83 -5.23 15.73
N VAL A 82 -11.94 -5.54 17.02
CA VAL A 82 -13.12 -6.21 17.58
C VAL A 82 -13.60 -5.53 18.85
N ILE A 83 -14.89 -5.66 19.13
CA ILE A 83 -15.49 -5.20 20.37
C ILE A 83 -16.10 -6.47 20.93
N THR A 84 -15.47 -7.05 21.96
CA THR A 84 -15.86 -8.36 22.48
C THR A 84 -16.91 -8.42 23.61
N GLU A 85 -17.39 -7.27 24.06
CA GLU A 85 -18.43 -7.13 25.07
C GLU A 85 -19.77 -6.99 24.30
N ASN A 86 -20.90 -7.47 24.87
CA ASN A 86 -22.21 -7.37 24.24
C ASN A 86 -22.69 -5.92 24.06
N PRO A 87 -23.18 -5.51 22.86
CA PRO A 87 -23.26 -6.29 21.61
C PRO A 87 -21.88 -6.41 20.92
N VAL A 88 -21.54 -7.63 20.54
CA VAL A 88 -20.26 -7.99 19.94
C VAL A 88 -20.19 -7.48 18.51
N TRP A 89 -19.11 -6.74 18.15
CA TRP A 89 -18.90 -6.19 16.80
C TRP A 89 -17.54 -6.53 16.22
N ILE A 90 -17.49 -6.76 14.91
CA ILE A 90 -16.23 -6.91 14.21
C ILE A 90 -16.09 -5.61 13.37
N ILE A 91 -14.94 -4.91 13.48
CA ILE A 91 -14.66 -3.68 12.73
C ILE A 91 -13.71 -4.01 11.56
N MET A 92 -14.17 -3.76 10.34
CA MET A 92 -13.36 -3.99 9.14
C MET A 92 -13.29 -2.87 8.18
N GLU A 93 -12.38 -3.03 7.24
CA GLU A 93 -12.19 -2.10 6.14
C GLU A 93 -13.53 -2.00 5.36
N LEU A 94 -13.93 -0.78 5.05
CA LEU A 94 -15.15 -0.54 4.30
C LEU A 94 -14.90 -0.63 2.81
N CYS A 95 -15.71 -1.43 2.10
CA CYS A 95 -15.70 -1.57 0.63
C CYS A 95 -16.99 -0.91 0.20
N THR A 96 -16.90 0.38 -0.13
CA THR A 96 -18.07 1.25 -0.43
C THR A 96 -19.04 0.78 -1.51
N LEU A 97 -18.56 0.02 -2.51
CA LEU A 97 -19.47 -0.42 -3.57
C LEU A 97 -20.25 -1.69 -3.25
N GLY A 98 -19.96 -2.27 -2.08
CA GLY A 98 -20.68 -3.42 -1.53
C GLY A 98 -20.42 -4.77 -2.17
N GLU A 99 -21.43 -5.64 -2.02
CA GLU A 99 -21.37 -7.05 -2.48
C GLU A 99 -21.20 -7.16 -4.01
N LEU A 100 -20.29 -8.05 -4.46
CA LEU A 100 -20.01 -8.23 -5.88
C LEU A 100 -21.22 -8.63 -6.75
N ARG A 101 -22.08 -9.56 -6.28
CA ARG A 101 -23.23 -10.03 -7.10
C ARG A 101 -24.17 -8.92 -7.47
N SER A 102 -24.61 -8.15 -6.46
CA SER A 102 -25.50 -6.98 -6.65
C SER A 102 -24.81 -5.96 -7.57
N PHE A 103 -23.50 -5.68 -7.34
CA PHE A 103 -22.70 -4.75 -8.14
C PHE A 103 -22.68 -5.16 -9.62
N LEU A 104 -22.44 -6.46 -9.90
CA LEU A 104 -22.41 -6.93 -11.29
C LEU A 104 -23.80 -6.86 -11.94
N GLN A 105 -24.86 -7.18 -11.19
CA GLN A 105 -26.25 -7.15 -11.68
C GLN A 105 -26.69 -5.73 -12.04
N VAL A 106 -26.36 -4.75 -11.17
CA VAL A 106 -26.72 -3.34 -11.37
C VAL A 106 -25.92 -2.72 -12.54
N ARG A 107 -24.63 -3.11 -12.66
CA ARG A 107 -23.71 -2.61 -13.68
C ARG A 107 -23.57 -3.50 -14.93
N LYS A 108 -24.47 -4.51 -15.09
CA LYS A 108 -24.49 -5.48 -16.21
C LYS A 108 -24.17 -4.91 -17.61
N TYR A 109 -24.73 -3.74 -17.96
CA TYR A 109 -24.51 -3.13 -19.27
C TYR A 109 -23.58 -1.92 -19.25
N SER A 110 -22.96 -1.65 -18.09
CA SER A 110 -22.02 -0.53 -17.96
C SER A 110 -20.56 -0.96 -17.65
N LEU A 111 -20.37 -2.25 -17.33
CA LEU A 111 -19.04 -2.80 -17.07
C LEU A 111 -18.54 -3.55 -18.29
N ASP A 112 -17.37 -3.14 -18.78
CA ASP A 112 -16.72 -3.76 -19.92
C ASP A 112 -16.15 -5.13 -19.54
N LEU A 113 -15.94 -5.98 -20.55
CA LEU A 113 -15.36 -7.31 -20.35
C LEU A 113 -14.00 -7.22 -19.62
N ALA A 114 -13.18 -6.17 -19.94
CA ALA A 114 -11.86 -6.00 -19.30
C ALA A 114 -11.98 -5.82 -17.78
N SER A 115 -13.08 -5.21 -17.32
CA SER A 115 -13.34 -5.05 -15.90
C SER A 115 -13.64 -6.42 -15.27
N LEU A 116 -14.46 -7.24 -15.95
CA LEU A 116 -14.80 -8.60 -15.44
C LEU A 116 -13.58 -9.47 -15.30
N ILE A 117 -12.70 -9.44 -16.32
CA ILE A 117 -11.46 -10.24 -16.29
C ILE A 117 -10.55 -9.73 -15.19
N LEU A 118 -10.47 -8.39 -15.01
CA LEU A 118 -9.65 -7.76 -13.94
C LEU A 118 -10.07 -8.25 -12.57
N TYR A 119 -11.39 -8.34 -12.31
CA TYR A 119 -11.89 -8.85 -11.02
C TYR A 119 -11.44 -10.30 -10.83
N ALA A 120 -11.54 -11.13 -11.89
CA ALA A 120 -11.09 -12.54 -11.81
C ALA A 120 -9.60 -12.60 -11.48
N TYR A 121 -8.80 -11.72 -12.14
CA TYR A 121 -7.36 -11.66 -11.91
C TYR A 121 -7.03 -11.26 -10.45
N GLN A 122 -7.66 -10.19 -9.96
CA GLN A 122 -7.44 -9.69 -8.60
C GLN A 122 -7.75 -10.76 -7.57
N LEU A 123 -8.88 -11.46 -7.74
CA LEU A 123 -9.21 -12.55 -6.82
C LEU A 123 -8.21 -13.67 -6.89
N SER A 124 -7.69 -13.96 -8.10
CA SER A 124 -6.66 -14.99 -8.25
C SER A 124 -5.37 -14.61 -7.50
N THR A 125 -5.06 -13.29 -7.40
CA THR A 125 -3.85 -12.87 -6.64
C THR A 125 -4.08 -13.08 -5.13
N ALA A 126 -5.30 -12.79 -4.62
CA ALA A 126 -5.62 -13.03 -3.20
C ALA A 126 -5.55 -14.52 -2.91
N LEU A 127 -6.03 -15.32 -3.85
CA LEU A 127 -6.03 -16.78 -3.66
C LEU A 127 -4.65 -17.42 -3.79
N ALA A 128 -3.78 -16.87 -4.65
CA ALA A 128 -2.38 -17.30 -4.77
C ALA A 128 -1.67 -16.99 -3.44
N TYR A 129 -2.00 -15.85 -2.83
CA TYR A 129 -1.44 -15.48 -1.52
C TYR A 129 -1.89 -16.48 -0.44
N LEU A 130 -3.19 -16.81 -0.40
CA LEU A 130 -3.73 -17.77 0.57
C LEU A 130 -3.08 -19.15 0.36
N GLU A 131 -2.91 -19.54 -0.90
CA GLU A 131 -2.26 -20.81 -1.28
C GLU A 131 -0.79 -20.83 -0.75
N SER A 132 -0.08 -19.67 -0.84
CA SER A 132 1.32 -19.56 -0.36
C SER A 132 1.40 -19.73 1.16
N LYS A 133 0.29 -19.51 1.87
CA LYS A 133 0.20 -19.67 3.32
C LYS A 133 -0.47 -20.99 3.72
N ARG A 134 -0.73 -21.87 2.73
CA ARG A 134 -1.35 -23.19 2.94
C ARG A 134 -2.72 -23.04 3.64
N PHE A 135 -3.43 -21.97 3.29
CA PHE A 135 -4.77 -21.69 3.83
C PHE A 135 -5.83 -22.16 2.83
N VAL A 136 -6.79 -22.97 3.31
CA VAL A 136 -7.91 -23.42 2.46
C VAL A 136 -9.16 -22.64 2.89
N HIS A 137 -9.75 -21.91 1.94
CA HIS A 137 -10.91 -21.03 2.15
C HIS A 137 -12.22 -21.82 2.35
N ARG A 138 -12.50 -22.83 1.48
CA ARG A 138 -13.66 -23.73 1.52
C ARG A 138 -14.97 -23.07 1.02
N ASP A 139 -14.99 -21.76 0.77
CA ASP A 139 -16.25 -21.10 0.39
C ASP A 139 -16.05 -19.97 -0.63
N ILE A 140 -15.29 -20.24 -1.69
CA ILE A 140 -15.05 -19.27 -2.74
C ILE A 140 -16.33 -19.17 -3.61
N ALA A 141 -16.88 -17.96 -3.68
CA ALA A 141 -18.13 -17.69 -4.37
C ALA A 141 -18.25 -16.18 -4.52
N ALA A 142 -18.94 -15.71 -5.55
CA ALA A 142 -19.08 -14.26 -5.77
C ALA A 142 -19.72 -13.53 -4.56
N ARG A 143 -20.59 -14.23 -3.81
CA ARG A 143 -21.27 -13.67 -2.63
C ARG A 143 -20.26 -13.28 -1.52
N ASN A 144 -19.05 -13.87 -1.56
CA ASN A 144 -17.99 -13.57 -0.59
C ASN A 144 -16.98 -12.50 -1.05
N VAL A 145 -17.26 -11.84 -2.15
CA VAL A 145 -16.39 -10.81 -2.69
C VAL A 145 -17.04 -9.44 -2.52
N LEU A 146 -16.22 -8.45 -2.15
CA LEU A 146 -16.66 -7.06 -1.98
C LEU A 146 -16.02 -6.15 -2.99
N VAL A 147 -16.68 -5.03 -3.30
CA VAL A 147 -16.20 -4.08 -4.30
C VAL A 147 -15.75 -2.80 -3.61
N SER A 148 -14.44 -2.55 -3.68
CA SER A 148 -13.77 -1.39 -3.07
C SER A 148 -13.85 -0.14 -3.98
N SER A 149 -13.75 -0.36 -5.30
CA SER A 149 -13.87 0.68 -6.32
C SER A 149 -14.20 -0.03 -7.64
N ASN A 150 -14.52 0.73 -8.71
CA ASN A 150 -14.79 0.17 -10.03
C ASN A 150 -13.65 -0.72 -10.52
N ASP A 151 -12.43 -0.48 -10.04
CA ASP A 151 -11.24 -1.22 -10.47
C ASP A 151 -10.62 -2.02 -9.33
N CYS A 152 -11.39 -2.30 -8.25
CA CYS A 152 -10.78 -3.06 -7.15
C CYS A 152 -11.78 -3.91 -6.39
N VAL A 153 -11.58 -5.24 -6.43
CA VAL A 153 -12.41 -6.21 -5.67
C VAL A 153 -11.56 -6.84 -4.57
N LYS A 154 -12.20 -7.31 -3.49
CA LYS A 154 -11.49 -7.93 -2.38
C LYS A 154 -12.28 -9.12 -1.84
N LEU A 155 -11.54 -10.18 -1.44
CA LEU A 155 -12.14 -11.35 -0.81
C LEU A 155 -12.56 -10.82 0.58
N GLY A 156 -13.83 -10.95 0.90
CA GLY A 156 -14.36 -10.28 2.08
C GLY A 156 -14.97 -11.08 3.18
N ASP A 157 -15.04 -12.39 3.01
CA ASP A 157 -15.68 -13.22 4.04
C ASP A 157 -14.87 -14.47 4.27
N PHE A 158 -14.61 -14.77 5.54
CA PHE A 158 -13.85 -15.92 5.96
C PHE A 158 -14.65 -16.66 7.05
N GLY A 159 -15.96 -16.43 7.03
CA GLY A 159 -16.91 -17.04 7.96
C GLY A 159 -17.14 -18.51 7.64
N LEU A 177 -25.43 -26.60 2.70
CA LEU A 177 -24.13 -26.63 2.02
C LEU A 177 -24.20 -26.00 0.61
N PRO A 178 -23.17 -25.27 0.14
CA PRO A 178 -23.23 -24.70 -1.22
C PRO A 178 -22.86 -25.71 -2.32
N ILE A 179 -23.66 -26.77 -2.45
CA ILE A 179 -23.46 -27.87 -3.43
C ILE A 179 -23.05 -27.38 -4.84
N LYS A 180 -23.68 -26.29 -5.29
CA LYS A 180 -23.50 -25.75 -6.63
C LYS A 180 -22.14 -25.13 -6.93
N TRP A 181 -21.33 -24.86 -5.88
CA TRP A 181 -19.98 -24.29 -6.04
C TRP A 181 -18.92 -25.32 -5.69
N MET A 182 -19.32 -26.39 -4.97
CA MET A 182 -18.40 -27.37 -4.42
C MET A 182 -17.79 -28.36 -5.38
N ALA A 183 -16.51 -28.70 -5.10
CA ALA A 183 -15.80 -29.71 -5.87
C ALA A 183 -16.44 -31.07 -5.53
N PRO A 184 -16.45 -32.02 -6.48
CA PRO A 184 -17.08 -33.32 -6.21
C PRO A 184 -16.55 -34.07 -4.97
N GLU A 185 -15.24 -33.96 -4.68
CA GLU A 185 -14.66 -34.61 -3.49
C GLU A 185 -15.13 -33.95 -2.17
N SER A 186 -15.50 -32.65 -2.22
CA SER A 186 -16.01 -31.93 -1.05
C SER A 186 -17.41 -32.42 -0.75
N ILE A 187 -18.22 -32.62 -1.82
CA ILE A 187 -19.60 -33.12 -1.67
C ILE A 187 -19.60 -34.57 -1.19
N ASN A 188 -18.85 -35.43 -1.91
CA ASN A 188 -18.77 -36.86 -1.68
C ASN A 188 -18.06 -37.27 -0.41
N PHE A 189 -16.94 -36.60 -0.07
CA PHE A 189 -16.11 -37.03 1.06
C PHE A 189 -15.80 -36.00 2.11
N ARG A 190 -16.39 -34.79 2.01
CA ARG A 190 -16.17 -33.66 2.92
C ARG A 190 -14.68 -33.22 2.91
N ARG A 191 -13.99 -33.47 1.79
CA ARG A 191 -12.58 -33.16 1.59
C ARG A 191 -12.44 -31.74 1.06
N PHE A 192 -11.78 -30.86 1.82
CA PHE A 192 -11.57 -29.48 1.39
C PHE A 192 -10.09 -29.23 1.32
N THR A 193 -9.59 -28.92 0.12
CA THR A 193 -8.14 -28.77 -0.09
C THR A 193 -7.87 -27.57 -0.96
N SER A 194 -6.58 -27.27 -1.20
CA SER A 194 -6.22 -26.20 -2.12
C SER A 194 -6.87 -26.49 -3.52
N ALA A 195 -6.93 -27.79 -3.93
CA ALA A 195 -7.55 -28.17 -5.22
C ALA A 195 -9.07 -27.91 -5.24
N SER A 196 -9.76 -28.18 -4.12
CA SER A 196 -11.22 -27.88 -4.07
C SER A 196 -11.49 -26.36 -4.14
N ASP A 197 -10.60 -25.54 -3.57
CA ASP A 197 -10.69 -24.05 -3.68
C ASP A 197 -10.59 -23.62 -5.15
N VAL A 198 -9.69 -24.27 -5.92
CA VAL A 198 -9.56 -23.95 -7.36
C VAL A 198 -10.89 -24.24 -8.13
N TRP A 199 -11.54 -25.41 -7.86
CA TRP A 199 -12.85 -25.74 -8.47
C TRP A 199 -13.84 -24.57 -8.18
N MET A 200 -13.94 -24.17 -6.91
CA MET A 200 -14.85 -23.10 -6.44
C MET A 200 -14.49 -21.79 -7.12
N PHE A 201 -13.18 -21.52 -7.27
CA PHE A 201 -12.75 -20.31 -7.98
C PHE A 201 -13.24 -20.31 -9.44
N GLY A 202 -13.24 -21.47 -10.09
CA GLY A 202 -13.74 -21.61 -11.46
C GLY A 202 -15.21 -21.22 -11.51
N VAL A 203 -15.99 -21.66 -10.51
CA VAL A 203 -17.41 -21.31 -10.40
C VAL A 203 -17.54 -19.79 -10.19
N CYS A 204 -16.74 -19.21 -9.30
CA CYS A 204 -16.74 -17.74 -9.05
C CYS A 204 -16.43 -16.95 -10.34
N MET A 205 -15.46 -17.42 -11.15
CA MET A 205 -15.13 -16.77 -12.42
C MET A 205 -16.35 -16.81 -13.35
N TRP A 206 -17.05 -17.97 -13.41
CA TRP A 206 -18.28 -18.13 -14.21
C TRP A 206 -19.32 -17.11 -13.74
N GLU A 207 -19.54 -16.99 -12.41
CA GLU A 207 -20.48 -16.00 -11.85
C GLU A 207 -20.14 -14.59 -12.27
N ILE A 208 -18.85 -14.21 -12.24
CA ILE A 208 -18.41 -12.86 -12.66
C ILE A 208 -18.75 -12.59 -14.14
N LEU A 209 -18.39 -13.54 -15.02
CA LEU A 209 -18.64 -13.42 -16.46
C LEU A 209 -20.13 -13.49 -16.79
N MET A 210 -20.94 -14.08 -15.89
CA MET A 210 -22.42 -14.14 -16.01
C MET A 210 -23.10 -12.93 -15.35
N HIS A 211 -22.30 -11.92 -14.93
CA HIS A 211 -22.78 -10.68 -14.28
C HIS A 211 -23.62 -10.96 -13.00
N GLY A 212 -23.16 -11.90 -12.19
CA GLY A 212 -23.82 -12.23 -10.92
C GLY A 212 -24.99 -13.19 -10.93
N VAL A 213 -25.11 -14.02 -11.96
CA VAL A 213 -26.15 -15.05 -12.06
C VAL A 213 -25.58 -16.27 -11.30
N LYS A 214 -26.41 -16.93 -10.48
CA LYS A 214 -25.96 -18.11 -9.71
C LYS A 214 -25.82 -19.34 -10.62
N PRO A 215 -24.88 -20.25 -10.33
CA PRO A 215 -24.76 -21.47 -11.13
C PRO A 215 -25.93 -22.42 -10.89
N PHE A 216 -26.28 -23.22 -11.92
CA PHE A 216 -27.32 -24.27 -11.87
C PHE A 216 -28.66 -23.79 -11.32
N GLN A 217 -29.11 -22.60 -11.76
CA GLN A 217 -30.41 -22.05 -11.34
C GLN A 217 -31.54 -23.01 -11.70
N GLY A 218 -32.40 -23.31 -10.74
CA GLY A 218 -33.55 -24.20 -10.92
C GLY A 218 -33.26 -25.68 -10.76
N VAL A 219 -31.97 -26.08 -10.80
CA VAL A 219 -31.50 -27.45 -10.66
C VAL A 219 -31.45 -27.77 -9.15
N LYS A 220 -31.98 -28.95 -8.73
CA LYS A 220 -31.92 -29.34 -7.32
C LYS A 220 -30.47 -29.72 -6.97
N ASN A 221 -30.01 -29.42 -5.74
CA ASN A 221 -28.64 -29.72 -5.27
C ASN A 221 -28.25 -31.17 -5.49
N ASN A 222 -29.17 -32.12 -5.18
CA ASN A 222 -28.95 -33.56 -5.35
C ASN A 222 -28.74 -34.01 -6.81
N ASP A 223 -29.24 -33.24 -7.79
CA ASP A 223 -29.09 -33.54 -9.22
C ASP A 223 -27.79 -32.99 -9.77
N VAL A 224 -27.23 -31.94 -9.11
CA VAL A 224 -25.98 -31.28 -9.48
C VAL A 224 -24.84 -32.28 -9.55
N ILE A 225 -24.61 -33.09 -8.49
CA ILE A 225 -23.54 -34.10 -8.47
C ILE A 225 -23.62 -35.07 -9.66
N GLY A 226 -24.83 -35.54 -9.98
CA GLY A 226 -25.08 -36.48 -11.09
C GLY A 226 -24.64 -35.95 -12.43
N ARG A 227 -25.03 -34.69 -12.73
CA ARG A 227 -24.67 -33.95 -13.94
C ARG A 227 -23.14 -33.82 -14.01
N ILE A 228 -22.51 -33.38 -12.90
CA ILE A 228 -21.06 -33.20 -12.76
C ILE A 228 -20.33 -34.54 -13.00
N GLU A 229 -20.86 -35.64 -12.40
CA GLU A 229 -20.35 -37.03 -12.55
C GLU A 229 -20.37 -37.47 -14.02
N ASN A 230 -21.47 -37.10 -14.75
CA ASN A 230 -21.71 -37.39 -16.16
C ASN A 230 -20.83 -36.55 -17.11
N GLY A 231 -20.05 -35.63 -16.54
CA GLY A 231 -19.13 -34.78 -17.31
C GLY A 231 -19.70 -33.42 -17.68
N GLU A 232 -20.95 -33.13 -17.26
CA GLU A 232 -21.56 -31.83 -17.55
C GLU A 232 -20.91 -30.71 -16.74
N ARG A 233 -20.76 -29.55 -17.39
CA ARG A 233 -20.15 -28.37 -16.78
C ARG A 233 -20.98 -27.14 -17.10
N LEU A 234 -20.76 -26.04 -16.35
CA LEU A 234 -21.44 -24.78 -16.58
C LEU A 234 -21.07 -24.29 -17.98
N PRO A 235 -22.06 -23.87 -18.82
CA PRO A 235 -21.73 -23.48 -20.21
C PRO A 235 -20.94 -22.18 -20.30
N MET A 236 -20.32 -21.94 -21.47
CA MET A 236 -19.57 -20.71 -21.71
C MET A 236 -20.48 -19.47 -21.62
N PRO A 237 -20.19 -18.54 -20.68
CA PRO A 237 -21.00 -17.33 -20.58
C PRO A 237 -20.95 -16.52 -21.88
N PRO A 238 -22.05 -15.81 -22.25
CA PRO A 238 -22.02 -14.99 -23.48
C PRO A 238 -20.93 -13.93 -23.37
N ASN A 239 -20.14 -13.74 -24.46
CA ASN A 239 -19.02 -12.78 -24.52
C ASN A 239 -17.77 -13.19 -23.74
N CYS A 240 -17.78 -14.40 -23.14
CA CYS A 240 -16.59 -14.89 -22.42
C CYS A 240 -15.53 -15.31 -23.45
N PRO A 241 -14.27 -14.78 -23.37
CA PRO A 241 -13.24 -15.22 -24.32
C PRO A 241 -13.00 -16.73 -24.19
N PRO A 242 -12.91 -17.46 -25.33
CA PRO A 242 -12.68 -18.92 -25.29
C PRO A 242 -11.49 -19.35 -24.41
N THR A 243 -10.42 -18.52 -24.35
CA THR A 243 -9.22 -18.78 -23.53
C THR A 243 -9.60 -18.79 -22.03
N LEU A 244 -10.46 -17.86 -21.62
CA LEU A 244 -10.96 -17.78 -20.24
C LEU A 244 -11.88 -18.96 -19.91
N TYR A 245 -12.75 -19.38 -20.85
CA TYR A 245 -13.61 -20.53 -20.58
C TYR A 245 -12.78 -21.81 -20.48
N SER A 246 -11.70 -21.92 -21.29
CA SER A 246 -10.79 -23.05 -21.25
C SER A 246 -10.13 -23.14 -19.85
N LEU A 247 -9.81 -21.98 -19.26
CA LEU A 247 -9.24 -21.87 -17.91
C LEU A 247 -10.26 -22.34 -16.85
N MET A 248 -11.53 -21.97 -17.00
CA MET A 248 -12.61 -22.41 -16.10
C MET A 248 -12.75 -23.93 -16.20
N THR A 249 -12.70 -24.48 -17.43
CA THR A 249 -12.83 -25.94 -17.61
C THR A 249 -11.70 -26.71 -16.91
N LYS A 250 -10.47 -26.15 -16.89
CA LYS A 250 -9.32 -26.75 -16.19
C LYS A 250 -9.56 -26.75 -14.67
N CYS A 251 -10.20 -25.66 -14.12
CA CYS A 251 -10.56 -25.59 -12.70
C CYS A 251 -11.51 -26.70 -12.34
N TRP A 252 -12.36 -27.12 -13.31
CA TRP A 252 -13.37 -28.13 -13.08
C TRP A 252 -12.96 -29.54 -13.52
N ALA A 253 -11.66 -29.88 -13.46
CA ALA A 253 -11.26 -31.27 -13.75
C ALA A 253 -11.80 -32.11 -12.59
N TYR A 254 -12.45 -33.24 -12.90
CA TYR A 254 -13.03 -34.08 -11.86
C TYR A 254 -11.95 -34.55 -10.87
N ASP A 255 -10.79 -34.94 -11.41
CA ASP A 255 -9.63 -35.39 -10.66
C ASP A 255 -8.94 -34.11 -10.11
N PRO A 256 -8.97 -33.89 -8.78
CA PRO A 256 -8.36 -32.66 -8.22
C PRO A 256 -6.88 -32.44 -8.59
N SER A 257 -6.09 -33.55 -8.75
CA SER A 257 -4.68 -33.43 -9.12
C SER A 257 -4.45 -32.84 -10.54
N ARG A 258 -5.49 -32.82 -11.39
CA ARG A 258 -5.38 -32.26 -12.74
C ARG A 258 -5.75 -30.76 -12.78
N ARG A 259 -6.18 -30.19 -11.65
CA ARG A 259 -6.54 -28.77 -11.61
C ARG A 259 -5.29 -27.90 -11.47
N PRO A 260 -5.25 -26.72 -12.12
CA PRO A 260 -4.09 -25.84 -11.95
C PRO A 260 -4.02 -25.31 -10.52
N ARG A 261 -2.86 -24.76 -10.16
CA ARG A 261 -2.65 -24.08 -8.88
C ARG A 261 -2.82 -22.57 -9.19
N PHE A 262 -2.97 -21.76 -8.14
CA PHE A 262 -3.16 -20.32 -8.32
C PHE A 262 -2.01 -19.55 -8.97
N THR A 263 -0.75 -20.04 -8.90
CA THR A 263 0.36 -19.38 -9.61
C THR A 263 0.07 -19.35 -11.12
N GLU A 264 -0.34 -20.50 -11.68
CA GLU A 264 -0.63 -20.66 -13.11
C GLU A 264 -1.91 -19.87 -13.45
N LEU A 265 -2.94 -19.96 -12.60
CA LEU A 265 -4.17 -19.21 -12.85
C LEU A 265 -3.94 -17.71 -12.94
N LYS A 266 -3.16 -17.16 -12.02
CA LYS A 266 -2.80 -15.73 -11.94
C LYS A 266 -2.07 -15.31 -13.23
N ALA A 267 -1.05 -16.12 -13.66
CA ALA A 267 -0.29 -15.86 -14.87
C ALA A 267 -1.18 -15.87 -16.14
N GLN A 268 -2.08 -16.87 -16.25
CA GLN A 268 -2.99 -17.01 -17.39
C GLN A 268 -4.04 -15.90 -17.45
N LEU A 269 -4.61 -15.52 -16.30
CA LEU A 269 -5.57 -14.43 -16.22
C LEU A 269 -4.93 -13.09 -16.58
N SER A 270 -3.65 -12.89 -16.22
CA SER A 270 -2.94 -11.66 -16.56
C SER A 270 -2.77 -11.55 -18.11
N THR A 271 -2.44 -12.68 -18.77
CA THR A 271 -2.29 -12.74 -20.22
C THR A 271 -3.65 -12.48 -20.90
N ILE A 272 -4.73 -13.12 -20.38
CA ILE A 272 -6.09 -12.96 -20.91
C ILE A 272 -6.54 -11.50 -20.83
N LEU A 273 -6.28 -10.86 -19.68
CA LEU A 273 -6.63 -9.45 -19.41
C LEU A 273 -5.89 -8.53 -20.38
N GLU A 274 -4.58 -8.80 -20.60
CA GLU A 274 -3.78 -8.00 -21.54
C GLU A 274 -4.26 -8.14 -22.99
N GLU A 275 -4.69 -9.35 -23.38
CA GLU A 275 -5.23 -9.61 -24.72
C GLU A 275 -6.56 -8.86 -24.94
N GLU A 276 -7.42 -8.81 -23.90
CA GLU A 276 -8.69 -8.09 -23.98
C GLU A 276 -8.45 -6.57 -24.09
N LYS A 277 -7.55 -6.00 -23.24
CA LYS A 277 -7.17 -4.57 -23.28
C LYS A 277 -6.63 -4.19 -24.67
N ALA A 278 -5.79 -5.05 -25.28
CA ALA A 278 -5.20 -4.84 -26.61
C ALA A 278 -6.28 -4.84 -27.71
N GLN A 279 -7.29 -5.74 -27.61
CA GLN A 279 -8.43 -5.88 -28.54
C GLN A 279 -9.26 -4.58 -28.55
N GLN A 280 -9.48 -3.97 -27.37
CA GLN A 280 -10.26 -2.73 -27.20
C GLN A 280 -9.34 -1.54 -26.97
N ASP B 7 1.60 7.40 -19.12
CA ASP B 7 2.11 6.16 -18.56
C ASP B 7 3.64 6.15 -18.48
N TYR B 8 4.15 5.51 -17.43
CA TYR B 8 5.56 5.45 -17.08
C TYR B 8 6.23 4.06 -17.14
N GLU B 9 5.60 3.08 -17.81
CA GLU B 9 6.21 1.75 -18.00
C GLU B 9 7.38 1.84 -19.01
N ILE B 10 8.54 1.25 -18.65
CA ILE B 10 9.74 1.22 -19.50
C ILE B 10 10.09 -0.25 -19.78
N GLN B 11 10.52 -0.57 -21.02
CA GLN B 11 10.94 -1.92 -21.41
C GLN B 11 12.28 -2.23 -20.73
N ARG B 12 12.41 -3.40 -20.09
CA ARG B 12 13.66 -3.78 -19.41
C ARG B 12 14.88 -3.77 -20.33
N GLU B 13 14.69 -4.13 -21.62
CA GLU B 13 15.74 -4.15 -22.62
C GLU B 13 16.40 -2.76 -22.81
N ARG B 14 15.69 -1.68 -22.47
CA ARG B 14 16.15 -0.29 -22.55
C ARG B 14 16.97 0.15 -21.31
N ILE B 15 17.09 -0.74 -20.31
CA ILE B 15 17.85 -0.49 -19.08
C ILE B 15 19.03 -1.45 -19.01
N GLU B 16 20.23 -0.88 -18.80
CA GLU B 16 21.45 -1.62 -18.57
C GLU B 16 21.79 -1.40 -17.10
N LEU B 17 21.68 -2.46 -16.28
CA LEU B 17 21.94 -2.39 -14.84
C LEU B 17 23.44 -2.33 -14.58
N GLY B 18 23.85 -1.31 -13.85
CA GLY B 18 25.23 -1.09 -13.48
C GLY B 18 25.49 -1.41 -12.02
N ARG B 19 26.51 -0.77 -11.44
CA ARG B 19 26.92 -1.04 -10.05
C ARG B 19 25.95 -0.59 -8.97
N CYS B 20 26.01 -1.25 -7.80
CA CYS B 20 25.22 -0.87 -6.64
C CYS B 20 25.80 0.44 -6.08
N ILE B 21 24.94 1.41 -5.83
CA ILE B 21 25.32 2.75 -5.35
C ILE B 21 24.71 3.12 -4.00
N GLY B 22 23.97 2.21 -3.40
CA GLY B 22 23.32 2.47 -2.12
C GLY B 22 22.28 1.44 -1.75
N GLU B 23 21.71 1.59 -0.56
CA GLU B 23 20.69 0.69 -0.02
C GLU B 23 19.49 1.50 0.38
N GLY B 24 18.34 1.14 -0.20
CA GLY B 24 17.07 1.78 0.11
C GLY B 24 16.26 0.91 1.04
N GLN B 25 15.09 1.42 1.49
CA GLN B 25 14.16 0.69 2.38
C GLN B 25 13.70 -0.65 1.77
N PHE B 26 13.51 -0.69 0.43
CA PHE B 26 13.05 -1.89 -0.26
C PHE B 26 14.16 -2.78 -0.82
N GLY B 27 15.35 -2.23 -0.97
CA GLY B 27 16.50 -2.99 -1.48
C GLY B 27 17.60 -2.13 -2.04
N ASP B 28 18.57 -2.77 -2.70
CA ASP B 28 19.72 -2.05 -3.28
C ASP B 28 19.31 -1.11 -4.38
N VAL B 29 20.06 0.00 -4.49
CA VAL B 29 19.89 1.01 -5.52
C VAL B 29 21.13 0.89 -6.38
N HIS B 30 20.93 0.87 -7.70
CA HIS B 30 22.03 0.76 -8.64
C HIS B 30 22.05 1.95 -9.55
N GLN B 31 23.19 2.19 -10.20
CA GLN B 31 23.24 3.17 -11.26
C GLN B 31 23.13 2.31 -12.52
N GLY B 32 22.71 2.92 -13.60
CA GLY B 32 22.59 2.21 -14.88
C GLY B 32 22.37 3.17 -16.03
N ILE B 33 22.01 2.62 -17.19
CA ILE B 33 21.82 3.45 -18.39
C ILE B 33 20.47 3.18 -19.00
N TYR B 34 19.75 4.25 -19.33
CA TYR B 34 18.44 4.17 -19.97
C TYR B 34 18.61 4.65 -21.42
N MET B 35 18.24 3.77 -22.36
CA MET B 35 18.30 4.04 -23.80
C MET B 35 16.86 4.30 -24.26
N SER B 36 16.41 5.57 -24.17
CA SER B 36 15.07 5.98 -24.57
C SER B 36 14.92 5.93 -26.10
N PRO B 37 13.69 5.78 -26.66
CA PRO B 37 13.55 5.73 -28.14
C PRO B 37 14.11 6.94 -28.90
N GLU B 38 13.88 8.16 -28.40
CA GLU B 38 14.31 9.40 -29.04
C GLU B 38 15.58 10.06 -28.50
N ASN B 39 15.68 10.25 -27.17
CA ASN B 39 16.79 10.93 -26.48
C ASN B 39 18.12 10.13 -26.36
N PRO B 40 19.26 10.82 -26.12
CA PRO B 40 20.54 10.11 -25.95
C PRO B 40 20.58 9.24 -24.68
N ALA B 41 21.43 8.20 -24.68
CA ALA B 41 21.65 7.29 -23.52
C ALA B 41 21.84 8.15 -22.26
N LEU B 42 21.06 7.86 -21.23
CA LEU B 42 21.03 8.62 -19.99
C LEU B 42 21.45 7.77 -18.79
N ALA B 43 22.37 8.32 -17.94
CA ALA B 43 22.75 7.66 -16.68
C ALA B 43 21.58 7.87 -15.71
N VAL B 44 21.11 6.77 -15.11
CA VAL B 44 19.92 6.74 -14.21
C VAL B 44 20.23 5.98 -12.92
N ALA B 45 19.34 6.11 -11.93
CA ALA B 45 19.42 5.33 -10.71
C ALA B 45 18.25 4.33 -10.78
N ILE B 46 18.49 3.11 -10.32
CA ILE B 46 17.54 2.02 -10.38
C ILE B 46 17.29 1.50 -8.98
N LYS B 47 16.08 1.71 -8.48
CA LYS B 47 15.68 1.17 -7.17
C LYS B 47 15.18 -0.25 -7.37
N THR B 48 15.71 -1.21 -6.60
CA THR B 48 15.28 -2.61 -6.69
C THR B 48 14.47 -2.96 -5.43
N CYS B 49 13.79 -4.10 -5.45
CA CYS B 49 12.94 -4.48 -4.34
C CYS B 49 13.13 -5.95 -4.02
N LYS B 50 13.91 -6.21 -2.96
CA LYS B 50 14.29 -7.54 -2.48
C LYS B 50 13.10 -8.47 -2.25
N ASN B 51 12.04 -7.97 -1.59
CA ASN B 51 10.86 -8.76 -1.22
C ASN B 51 9.58 -8.50 -2.03
N CYS B 52 9.70 -7.98 -3.29
CA CYS B 52 8.53 -7.68 -4.11
C CYS B 52 7.70 -8.87 -4.65
N THR B 53 8.10 -10.09 -4.26
CA THR B 53 7.37 -11.34 -4.52
C THR B 53 6.08 -11.31 -3.65
N SER B 54 6.13 -10.60 -2.50
CA SER B 54 4.99 -10.39 -1.60
C SER B 54 4.17 -9.27 -2.21
N ASP B 55 2.87 -9.51 -2.51
CA ASP B 55 2.02 -8.49 -3.14
C ASP B 55 1.87 -7.21 -2.31
N SER B 56 1.81 -7.34 -0.96
CA SER B 56 1.72 -6.18 -0.05
C SER B 56 2.98 -5.28 -0.17
N VAL B 57 4.16 -5.89 -0.23
CA VAL B 57 5.45 -5.20 -0.39
C VAL B 57 5.52 -4.55 -1.78
N ARG B 58 5.13 -5.30 -2.83
CA ARG B 58 5.12 -4.80 -4.22
C ARG B 58 4.23 -3.57 -4.35
N GLU B 59 3.03 -3.60 -3.71
CA GLU B 59 2.10 -2.48 -3.73
C GLU B 59 2.76 -1.22 -3.14
N LYS B 60 3.45 -1.38 -1.99
CA LYS B 60 4.12 -0.28 -1.29
C LYS B 60 5.25 0.28 -2.12
N PHE B 61 6.05 -0.60 -2.72
CA PHE B 61 7.17 -0.23 -3.59
C PHE B 61 6.69 0.56 -4.80
N LEU B 62 5.67 0.05 -5.50
CA LEU B 62 5.15 0.74 -6.67
C LEU B 62 4.38 2.04 -6.34
N GLN B 63 3.80 2.13 -5.12
CA GLN B 63 3.14 3.37 -4.67
C GLN B 63 4.17 4.52 -4.56
N GLU B 64 5.45 4.23 -4.19
CA GLU B 64 6.50 5.26 -4.16
C GLU B 64 6.68 5.88 -5.55
N ALA B 65 6.64 5.03 -6.61
CA ALA B 65 6.77 5.52 -7.97
C ALA B 65 5.54 6.34 -8.38
N LEU B 66 4.35 5.89 -8.00
CA LEU B 66 3.10 6.62 -8.28
C LEU B 66 3.10 7.99 -7.56
N THR B 67 3.69 8.04 -6.35
CA THR B 67 3.83 9.29 -5.59
C THR B 67 4.78 10.23 -6.30
N MET B 68 5.98 9.73 -6.63
CA MET B 68 7.03 10.50 -7.29
C MET B 68 6.57 11.03 -8.65
N ARG B 69 5.69 10.28 -9.31
CA ARG B 69 5.12 10.64 -10.62
C ARG B 69 4.34 11.94 -10.53
N GLN B 70 3.77 12.22 -9.34
CA GLN B 70 2.95 13.42 -9.14
C GLN B 70 3.76 14.71 -9.09
N PHE B 71 5.09 14.62 -8.87
CA PHE B 71 5.90 15.81 -8.66
C PHE B 71 6.80 16.26 -9.79
N ASP B 72 7.04 17.57 -9.84
CA ASP B 72 7.93 18.19 -10.81
C ASP B 72 8.52 19.41 -10.12
N HIS B 73 9.69 19.25 -9.54
CA HIS B 73 10.35 20.34 -8.82
C HIS B 73 11.86 20.21 -8.99
N PRO B 74 12.60 21.35 -9.11
CA PRO B 74 14.06 21.26 -9.28
C PRO B 74 14.82 20.58 -8.14
N HIS B 75 14.23 20.50 -6.94
CA HIS B 75 14.90 19.87 -5.80
C HIS B 75 14.24 18.59 -5.32
N ILE B 76 13.53 17.93 -6.25
CA ILE B 76 12.92 16.63 -5.99
C ILE B 76 13.41 15.72 -7.12
N VAL B 77 13.95 14.55 -6.75
CA VAL B 77 14.39 13.55 -7.74
C VAL B 77 13.22 13.20 -8.67
N LYS B 78 13.50 13.21 -9.97
CA LYS B 78 12.50 12.95 -11.00
C LYS B 78 12.29 11.44 -11.21
N LEU B 79 11.02 11.03 -11.37
CA LEU B 79 10.67 9.67 -11.74
C LEU B 79 10.86 9.52 -13.25
N ILE B 80 11.62 8.50 -13.66
CA ILE B 80 11.84 8.27 -15.09
C ILE B 80 10.90 7.17 -15.58
N GLY B 81 10.72 6.13 -14.78
CA GLY B 81 9.81 5.07 -15.17
C GLY B 81 9.82 3.87 -14.26
N VAL B 82 9.00 2.88 -14.61
CA VAL B 82 8.87 1.66 -13.82
C VAL B 82 8.91 0.42 -14.68
N ILE B 83 9.35 -0.69 -14.07
CA ILE B 83 9.30 -2.01 -14.68
C ILE B 83 8.46 -2.84 -13.70
N THR B 84 7.20 -3.05 -14.04
CA THR B 84 6.21 -3.73 -13.17
C THR B 84 6.26 -5.26 -13.11
N GLU B 85 7.09 -5.90 -13.94
CA GLU B 85 7.26 -7.35 -13.97
C GLU B 85 8.47 -7.70 -13.07
N ASN B 86 8.46 -8.89 -12.42
CA ASN B 86 9.57 -9.30 -11.55
C ASN B 86 10.88 -9.52 -12.33
N PRO B 87 12.04 -8.98 -11.89
CA PRO B 87 12.25 -8.12 -10.72
C PRO B 87 11.76 -6.69 -10.96
N VAL B 88 10.92 -6.20 -10.05
CA VAL B 88 10.33 -4.88 -10.17
C VAL B 88 11.40 -3.82 -9.93
N TRP B 89 11.46 -2.80 -10.80
CA TRP B 89 12.40 -1.69 -10.67
C TRP B 89 11.73 -0.34 -10.79
N ILE B 90 12.29 0.67 -10.09
CA ILE B 90 11.89 2.07 -10.23
C ILE B 90 13.12 2.78 -10.84
N ILE B 91 12.93 3.41 -12.00
CA ILE B 91 14.00 4.13 -12.71
C ILE B 91 13.86 5.61 -12.38
N MET B 92 14.92 6.21 -11.85
CA MET B 92 14.87 7.62 -11.51
C MET B 92 16.09 8.40 -11.85
N GLU B 93 16.01 9.72 -11.67
CA GLU B 93 17.10 10.65 -11.92
C GLU B 93 18.32 10.25 -11.05
N LEU B 94 19.53 10.27 -11.64
CA LEU B 94 20.74 9.94 -10.93
C LEU B 94 21.35 11.22 -10.38
N CYS B 95 21.68 11.22 -9.09
CA CYS B 95 22.36 12.30 -8.38
C CYS B 95 23.74 11.78 -8.13
N THR B 96 24.68 12.18 -9.01
CA THR B 96 26.05 11.68 -9.04
C THR B 96 26.88 11.78 -7.77
N LEU B 97 26.63 12.80 -6.93
CA LEU B 97 27.42 12.94 -5.70
C LEU B 97 26.92 12.10 -4.53
N GLY B 98 25.82 11.39 -4.75
CA GLY B 98 25.25 10.42 -3.81
C GLY B 98 24.52 10.95 -2.61
N GLU B 99 24.52 10.14 -1.56
CA GLU B 99 23.80 10.41 -0.30
C GLU B 99 24.35 11.63 0.42
N LEU B 100 23.45 12.51 0.93
CA LEU B 100 23.85 13.75 1.60
C LEU B 100 24.74 13.54 2.83
N ARG B 101 24.44 12.55 3.67
CA ARG B 101 25.19 12.31 4.90
C ARG B 101 26.67 12.03 4.64
N SER B 102 26.95 11.07 3.73
CA SER B 102 28.33 10.70 3.34
C SER B 102 29.02 11.92 2.72
N PHE B 103 28.30 12.66 1.85
CA PHE B 103 28.82 13.87 1.18
C PHE B 103 29.24 14.92 2.20
N LEU B 104 28.40 15.18 3.21
CA LEU B 104 28.73 16.19 4.23
C LEU B 104 29.90 15.74 5.11
N GLN B 105 29.97 14.43 5.43
CA GLN B 105 31.06 13.87 6.26
C GLN B 105 32.41 13.97 5.55
N VAL B 106 32.45 13.63 4.24
CA VAL B 106 33.67 13.64 3.43
C VAL B 106 34.14 15.09 3.15
N ARG B 107 33.18 16.04 2.98
CA ARG B 107 33.52 17.43 2.68
C ARG B 107 33.42 18.34 3.91
N LYS B 108 33.49 17.73 5.12
CA LYS B 108 33.39 18.37 6.44
C LYS B 108 34.33 19.59 6.62
N TYR B 109 35.55 19.53 6.08
CA TYR B 109 36.54 20.61 6.19
C TYR B 109 36.61 21.47 4.92
N SER B 110 35.82 21.14 3.87
CA SER B 110 35.86 21.89 2.60
C SER B 110 34.58 22.65 2.25
N LEU B 111 33.48 22.40 3.00
CA LEU B 111 32.21 23.06 2.78
C LEU B 111 32.02 24.26 3.68
N ASP B 112 31.69 25.39 3.07
CA ASP B 112 31.45 26.64 3.78
C ASP B 112 30.04 26.65 4.36
N LEU B 113 29.82 27.48 5.39
CA LEU B 113 28.51 27.62 6.02
C LEU B 113 27.45 27.99 4.99
N ALA B 114 27.79 28.85 4.00
CA ALA B 114 26.84 29.26 2.95
C ALA B 114 26.32 28.08 2.15
N SER B 115 27.16 27.04 1.94
CA SER B 115 26.74 25.82 1.24
C SER B 115 25.74 25.04 2.10
N LEU B 116 26.01 24.93 3.42
CA LEU B 116 25.10 24.23 4.34
C LEU B 116 23.74 24.88 4.39
N ILE B 117 23.69 26.22 4.48
CA ILE B 117 22.43 26.97 4.53
C ILE B 117 21.72 26.83 3.19
N LEU B 118 22.46 26.86 2.06
CA LEU B 118 21.90 26.67 0.72
C LEU B 118 21.17 25.33 0.61
N TYR B 119 21.76 24.24 1.14
CA TYR B 119 21.11 22.92 1.10
C TYR B 119 19.83 22.97 1.92
N ALA B 120 19.84 23.61 3.10
CA ALA B 120 18.64 23.73 3.95
C ALA B 120 17.55 24.51 3.19
N TYR B 121 17.95 25.61 2.52
CA TYR B 121 17.04 26.42 1.72
C TYR B 121 16.43 25.62 0.57
N GLN B 122 17.26 24.90 -0.22
CA GLN B 122 16.81 24.11 -1.35
C GLN B 122 15.81 23.05 -0.90
N LEU B 123 16.09 22.37 0.21
CA LEU B 123 15.15 21.36 0.72
C LEU B 123 13.86 22.02 1.18
N SER B 124 13.95 23.24 1.75
CA SER B 124 12.74 23.95 2.16
C SER B 124 11.87 24.32 0.93
N THR B 125 12.50 24.59 -0.25
CA THR B 125 11.72 24.86 -1.47
C THR B 125 10.99 23.59 -1.95
N ALA B 126 11.66 22.43 -1.89
CA ALA B 126 11.01 21.15 -2.27
C ALA B 126 9.87 20.87 -1.31
N LEU B 127 10.08 21.16 -0.01
CA LEU B 127 9.04 20.90 1.01
C LEU B 127 7.87 21.89 0.95
N ALA B 128 8.13 23.16 0.58
CA ALA B 128 7.08 24.16 0.35
C ALA B 128 6.25 23.71 -0.85
N TYR B 129 6.91 23.12 -1.88
CA TYR B 129 6.21 22.60 -3.06
C TYR B 129 5.31 21.41 -2.64
N LEU B 130 5.84 20.48 -1.85
CA LEU B 130 5.07 19.31 -1.37
C LEU B 130 3.91 19.79 -0.51
N GLU B 131 4.15 20.81 0.34
CA GLU B 131 3.09 21.42 1.17
C GLU B 131 1.97 22.02 0.28
N SER B 132 2.36 22.67 -0.87
CA SER B 132 1.39 23.25 -1.81
C SER B 132 0.51 22.18 -2.46
N LYS B 133 0.99 20.91 -2.48
CA LYS B 133 0.26 19.75 -3.02
C LYS B 133 -0.41 18.93 -1.92
N ARG B 134 -0.37 19.42 -0.68
CA ARG B 134 -0.97 18.78 0.50
C ARG B 134 -0.42 17.36 0.68
N PHE B 135 0.87 17.22 0.41
CA PHE B 135 1.55 15.94 0.56
C PHE B 135 2.31 15.92 1.89
N VAL B 136 2.09 14.85 2.69
CA VAL B 136 2.77 14.63 3.97
C VAL B 136 3.81 13.53 3.74
N HIS B 137 5.08 13.86 3.91
CA HIS B 137 6.23 12.98 3.65
C HIS B 137 6.40 11.89 4.67
N ARG B 138 6.33 12.24 5.98
CA ARG B 138 6.44 11.34 7.13
C ARG B 138 7.86 10.80 7.40
N ASP B 139 8.85 11.12 6.55
CA ASP B 139 10.21 10.57 6.73
C ASP B 139 11.31 11.55 6.29
N ILE B 140 11.18 12.83 6.71
CA ILE B 140 12.17 13.85 6.37
C ILE B 140 13.42 13.65 7.21
N ALA B 141 14.56 13.42 6.53
CA ALA B 141 15.83 13.09 7.19
C ALA B 141 16.94 13.24 6.17
N ALA B 142 18.17 13.57 6.62
CA ALA B 142 19.30 13.76 5.69
C ALA B 142 19.58 12.49 4.85
N ARG B 143 19.26 11.28 5.39
CA ARG B 143 19.44 10.00 4.68
C ARG B 143 18.59 9.91 3.41
N ASN B 144 17.50 10.70 3.34
CA ASN B 144 16.61 10.74 2.17
C ASN B 144 16.92 11.84 1.15
N VAL B 145 18.06 12.53 1.34
CA VAL B 145 18.51 13.61 0.47
C VAL B 145 19.69 13.16 -0.35
N LEU B 146 19.66 13.49 -1.64
CA LEU B 146 20.73 13.18 -2.58
C LEU B 146 21.43 14.45 -3.06
N VAL B 147 22.69 14.30 -3.49
CA VAL B 147 23.50 15.43 -3.95
C VAL B 147 23.71 15.32 -5.46
N SER B 148 23.11 16.27 -6.19
CA SER B 148 23.17 16.36 -7.64
C SER B 148 24.46 17.07 -8.13
N SER B 149 24.90 18.09 -7.39
CA SER B 149 26.14 18.85 -7.63
C SER B 149 26.52 19.53 -6.33
N ASN B 150 27.71 20.16 -6.26
CA ASN B 150 28.14 20.87 -5.05
C ASN B 150 27.15 21.96 -4.62
N ASP B 151 26.35 22.46 -5.56
CA ASP B 151 25.39 23.52 -5.29
C ASP B 151 23.95 23.06 -5.49
N CYS B 152 23.69 21.73 -5.49
CA CYS B 152 22.32 21.27 -5.70
C CYS B 152 22.01 19.98 -4.98
N VAL B 153 21.03 20.03 -4.04
CA VAL B 153 20.55 18.84 -3.32
C VAL B 153 19.12 18.55 -3.71
N LYS B 154 18.69 17.28 -3.61
CA LYS B 154 17.31 16.89 -3.96
C LYS B 154 16.75 15.88 -2.99
N LEU B 155 15.48 16.01 -2.64
CA LEU B 155 14.76 15.05 -1.83
C LEU B 155 14.63 13.80 -2.75
N GLY B 156 15.10 12.67 -2.25
CA GLY B 156 15.24 11.48 -3.08
C GLY B 156 14.45 10.23 -2.77
N ASP B 157 13.70 10.21 -1.66
CA ASP B 157 13.00 9.00 -1.29
C ASP B 157 11.60 9.32 -0.78
N PHE B 158 10.58 8.54 -1.22
CA PHE B 158 9.19 8.76 -0.82
C PHE B 158 8.51 7.44 -0.41
N GLY B 159 9.30 6.42 -0.10
CA GLY B 159 8.83 5.06 0.19
C GLY B 159 7.98 4.85 1.42
N LEU B 160 8.24 5.62 2.48
CA LEU B 160 7.52 5.49 3.74
C LEU B 160 6.11 6.11 3.71
N LEU B 177 10.80 2.56 12.51
CA LEU B 177 10.31 3.94 12.60
C LEU B 177 11.46 4.92 12.92
N PRO B 178 11.49 6.10 12.25
CA PRO B 178 12.56 7.08 12.54
C PRO B 178 12.24 7.91 13.76
N ILE B 179 12.20 7.28 14.92
CA ILE B 179 11.85 7.89 16.22
C ILE B 179 12.62 9.20 16.52
N LYS B 180 13.96 9.20 16.33
CA LYS B 180 14.83 10.35 16.61
C LYS B 180 14.60 11.60 15.74
N TRP B 181 13.78 11.46 14.69
CA TRP B 181 13.42 12.55 13.79
C TRP B 181 11.96 12.95 13.98
N MET B 182 11.18 12.08 14.59
CA MET B 182 9.72 12.24 14.73
C MET B 182 9.20 13.27 15.69
N ALA B 183 8.08 13.92 15.28
CA ALA B 183 7.37 14.87 16.13
C ALA B 183 6.74 14.08 17.30
N PRO B 184 6.60 14.70 18.49
CA PRO B 184 6.02 13.97 19.64
C PRO B 184 4.65 13.32 19.39
N GLU B 185 3.76 13.99 18.60
CA GLU B 185 2.45 13.42 18.28
C GLU B 185 2.53 12.19 17.36
N SER B 186 3.61 12.11 16.54
CA SER B 186 3.84 10.98 15.65
C SER B 186 4.28 9.78 16.49
N ILE B 187 5.13 10.00 17.49
CA ILE B 187 5.61 8.95 18.41
C ILE B 187 4.46 8.47 19.30
N ASN B 188 3.79 9.43 19.97
CA ASN B 188 2.72 9.15 20.92
C ASN B 188 1.45 8.60 20.32
N PHE B 189 1.02 9.13 19.16
CA PHE B 189 -0.28 8.77 18.59
C PHE B 189 -0.28 8.27 17.16
N ARG B 190 0.88 8.14 16.53
CA ARG B 190 1.04 7.75 15.12
C ARG B 190 0.37 8.78 14.17
N ARG B 191 0.25 10.04 14.66
CA ARG B 191 -0.34 11.15 13.89
C ARG B 191 0.75 11.80 13.06
N PHE B 192 0.56 11.86 11.73
CA PHE B 192 1.50 12.45 10.75
C PHE B 192 0.77 13.51 9.95
N THR B 193 1.25 14.77 10.04
CA THR B 193 0.59 15.90 9.39
C THR B 193 1.64 16.81 8.76
N SER B 194 1.18 17.89 8.07
CA SER B 194 2.13 18.87 7.54
C SER B 194 2.99 19.44 8.73
N ALA B 195 2.37 19.62 9.94
CA ALA B 195 3.11 20.11 11.11
C ALA B 195 4.20 19.13 11.59
N SER B 196 3.93 17.80 11.54
CA SER B 196 4.94 16.82 11.93
C SER B 196 6.11 16.80 10.93
N ASP B 197 5.84 17.05 9.64
CA ASP B 197 6.90 17.18 8.63
C ASP B 197 7.86 18.36 8.94
N VAL B 198 7.30 19.49 9.44
CA VAL B 198 8.11 20.66 9.83
C VAL B 198 9.07 20.26 11.00
N TRP B 199 8.57 19.51 12.00
CA TRP B 199 9.44 19.06 13.10
C TRP B 199 10.64 18.27 12.50
N MET B 200 10.34 17.31 11.61
CA MET B 200 11.36 16.43 10.97
C MET B 200 12.34 17.26 10.15
N PHE B 201 11.82 18.30 9.46
CA PHE B 201 12.67 19.21 8.70
C PHE B 201 13.67 19.94 9.62
N GLY B 202 13.21 20.33 10.82
CA GLY B 202 14.07 20.95 11.80
C GLY B 202 15.23 20.03 12.18
N VAL B 203 14.92 18.71 12.35
CA VAL B 203 15.95 17.72 12.64
C VAL B 203 16.93 17.59 11.43
N CYS B 204 16.39 17.54 10.21
CA CYS B 204 17.22 17.47 8.98
C CYS B 204 18.16 18.69 8.87
N MET B 205 17.67 19.91 9.22
CA MET B 205 18.52 21.12 9.20
C MET B 205 19.66 20.96 10.20
N TRP B 206 19.36 20.43 11.41
CA TRP B 206 20.35 20.16 12.43
C TRP B 206 21.43 19.19 11.88
N GLU B 207 21.00 18.09 11.22
CA GLU B 207 21.91 17.11 10.59
C GLU B 207 22.83 17.78 9.57
N ILE B 208 22.30 18.68 8.73
CA ILE B 208 23.11 19.40 7.73
C ILE B 208 24.19 20.26 8.38
N LEU B 209 23.78 21.06 9.39
CA LEU B 209 24.69 21.96 10.12
C LEU B 209 25.70 21.18 10.96
N MET B 210 25.39 19.91 11.28
CA MET B 210 26.28 19.00 12.01
C MET B 210 27.13 18.15 11.06
N HIS B 211 27.13 18.49 9.74
CA HIS B 211 27.90 17.79 8.70
C HIS B 211 27.61 16.26 8.65
N GLY B 212 26.33 15.90 8.75
CA GLY B 212 25.88 14.52 8.65
C GLY B 212 25.96 13.64 9.90
N VAL B 213 26.02 14.23 11.09
CA VAL B 213 25.98 13.49 12.35
C VAL B 213 24.49 13.22 12.65
N LYS B 214 24.15 12.00 13.07
CA LYS B 214 22.76 11.64 13.39
C LYS B 214 22.32 12.26 14.71
N PRO B 215 21.02 12.62 14.87
CA PRO B 215 20.55 13.16 16.15
C PRO B 215 20.51 12.08 17.23
N PHE B 216 20.68 12.47 18.50
CA PHE B 216 20.58 11.59 19.67
C PHE B 216 21.42 10.29 19.56
N GLN B 217 22.69 10.43 19.11
CA GLN B 217 23.60 9.29 18.99
C GLN B 217 23.79 8.65 20.38
N GLY B 218 23.64 7.32 20.43
CA GLY B 218 23.82 6.55 21.65
C GLY B 218 22.58 6.45 22.54
N VAL B 219 21.57 7.31 22.31
CA VAL B 219 20.31 7.37 23.06
C VAL B 219 19.38 6.30 22.46
N LYS B 220 18.71 5.50 23.32
CA LYS B 220 17.77 4.48 22.84
C LYS B 220 16.51 5.20 22.32
N ASN B 221 15.87 4.65 21.24
CA ASN B 221 14.65 5.20 20.64
C ASN B 221 13.54 5.43 21.67
N ASN B 222 13.34 4.48 22.60
CA ASN B 222 12.33 4.58 23.65
C ASN B 222 12.54 5.75 24.64
N ASP B 223 13.78 6.25 24.77
CA ASP B 223 14.13 7.37 25.66
C ASP B 223 13.91 8.74 25.00
N VAL B 224 13.69 8.77 23.68
CA VAL B 224 13.49 10.02 22.93
C VAL B 224 12.29 10.80 23.41
N ILE B 225 11.10 10.17 23.44
CA ILE B 225 9.87 10.86 23.84
C ILE B 225 9.95 11.53 25.22
N GLY B 226 10.61 10.85 26.17
CA GLY B 226 10.81 11.34 27.54
C GLY B 226 11.63 12.62 27.58
N ARG B 227 12.70 12.70 26.76
CA ARG B 227 13.55 13.88 26.68
C ARG B 227 12.79 15.08 26.07
N ILE B 228 12.09 14.85 24.95
CA ILE B 228 11.28 15.87 24.27
C ILE B 228 10.28 16.47 25.27
N GLU B 229 9.62 15.60 26.07
CA GLU B 229 8.60 16.02 27.05
C GLU B 229 9.14 16.70 28.28
N ASN B 230 10.46 16.65 28.47
CA ASN B 230 11.14 17.35 29.55
C ASN B 230 11.64 18.71 29.01
N GLY B 231 11.30 18.98 27.74
CA GLY B 231 11.66 20.20 27.02
C GLY B 231 13.02 20.16 26.36
N GLU B 232 13.70 18.99 26.39
CA GLU B 232 15.02 18.84 25.79
C GLU B 232 14.94 18.89 24.27
N ARG B 233 15.90 19.59 23.65
CA ARG B 233 16.02 19.74 22.21
C ARG B 233 17.47 19.55 21.81
N LEU B 234 17.70 19.25 20.53
CA LEU B 234 19.05 19.10 19.97
C LEU B 234 19.79 20.43 20.12
N PRO B 235 21.05 20.43 20.63
CA PRO B 235 21.76 21.69 20.86
C PRO B 235 22.17 22.42 19.60
N MET B 236 22.52 23.73 19.74
CA MET B 236 22.97 24.53 18.61
C MET B 236 24.27 23.98 18.03
N PRO B 237 24.25 23.57 16.73
CA PRO B 237 25.49 23.08 16.11
C PRO B 237 26.59 24.15 16.10
N PRO B 238 27.88 23.76 16.23
CA PRO B 238 28.95 24.76 16.20
C PRO B 238 28.94 25.49 14.85
N ASN B 239 29.12 26.83 14.88
CA ASN B 239 29.11 27.71 13.69
C ASN B 239 27.70 27.94 13.11
N CYS B 240 26.63 27.39 13.74
CA CYS B 240 25.26 27.63 13.27
C CYS B 240 24.86 29.05 13.66
N PRO B 241 24.42 29.91 12.68
CA PRO B 241 23.98 31.26 13.06
C PRO B 241 22.80 31.19 14.04
N PRO B 242 22.82 32.01 15.13
CA PRO B 242 21.71 31.99 16.10
C PRO B 242 20.31 32.13 15.49
N THR B 243 20.18 32.90 14.38
CA THR B 243 18.91 33.10 13.66
C THR B 243 18.40 31.76 13.08
N LEU B 244 19.33 30.95 12.53
CA LEU B 244 19.02 29.63 12.00
C LEU B 244 18.65 28.63 13.12
N TYR B 245 19.36 28.69 14.27
CA TYR B 245 19.00 27.78 15.38
C TYR B 245 17.63 28.17 15.95
N SER B 246 17.31 29.48 15.97
CA SER B 246 16.00 29.98 16.43
C SER B 246 14.90 29.42 15.52
N LEU B 247 15.20 29.30 14.21
CA LEU B 247 14.26 28.73 13.24
C LEU B 247 14.05 27.21 13.49
N MET B 248 15.13 26.48 13.83
CA MET B 248 15.06 25.05 14.17
C MET B 248 14.20 24.90 15.44
N THR B 249 14.38 25.81 16.43
CA THR B 249 13.61 25.73 17.67
C THR B 249 12.11 25.93 17.47
N LYS B 250 11.74 26.77 16.47
CA LYS B 250 10.34 27.00 16.09
C LYS B 250 9.77 25.73 15.46
N CYS B 251 10.60 24.98 14.67
CA CYS B 251 10.22 23.69 14.06
C CYS B 251 9.89 22.67 15.15
N TRP B 252 10.56 22.79 16.30
CA TRP B 252 10.42 21.87 17.41
C TRP B 252 9.46 22.34 18.51
N ALA B 253 8.43 23.14 18.16
CA ALA B 253 7.45 23.54 19.18
C ALA B 253 6.66 22.25 19.51
N TYR B 254 6.47 21.95 20.81
CA TYR B 254 5.73 20.74 21.20
C TYR B 254 4.31 20.77 20.61
N ASP B 255 3.66 21.93 20.69
CA ASP B 255 2.33 22.20 20.14
C ASP B 255 2.48 22.32 18.59
N PRO B 256 1.91 21.37 17.81
CA PRO B 256 2.07 21.42 16.34
C PRO B 256 1.57 22.71 15.69
N SER B 257 0.50 23.29 16.24
CA SER B 257 -0.10 24.53 15.74
C SER B 257 0.85 25.75 15.84
N ARG B 258 1.88 25.70 16.66
CA ARG B 258 2.87 26.78 16.83
C ARG B 258 4.04 26.66 15.84
N ARG B 259 4.11 25.57 15.08
CA ARG B 259 5.22 25.40 14.13
C ARG B 259 4.98 26.23 12.86
N PRO B 260 6.04 26.84 12.27
CA PRO B 260 5.83 27.58 11.01
C PRO B 260 5.45 26.63 9.89
N ARG B 261 4.93 27.19 8.80
CA ARG B 261 4.67 26.45 7.58
C ARG B 261 5.91 26.65 6.69
N PHE B 262 6.04 25.84 5.63
CA PHE B 262 7.19 25.93 4.72
C PHE B 262 7.31 27.25 3.94
N THR B 263 6.20 28.01 3.71
CA THR B 263 6.33 29.32 3.04
C THR B 263 7.22 30.25 3.88
N GLU B 264 6.97 30.31 5.20
CA GLU B 264 7.71 31.13 6.16
C GLU B 264 9.15 30.58 6.31
N LEU B 265 9.31 29.25 6.40
CA LEU B 265 10.64 28.66 6.51
C LEU B 265 11.53 29.01 5.33
N LYS B 266 10.99 28.90 4.10
CA LYS B 266 11.68 29.19 2.83
C LYS B 266 12.12 30.67 2.82
N ALA B 267 11.19 31.60 3.19
CA ALA B 267 11.47 33.04 3.27
C ALA B 267 12.58 33.36 4.28
N GLN B 268 12.53 32.75 5.48
CA GLN B 268 13.52 32.97 6.53
C GLN B 268 14.90 32.41 6.17
N LEU B 269 14.93 31.20 5.57
CA LEU B 269 16.18 30.58 5.11
C LEU B 269 16.83 31.41 4.01
N SER B 270 16.02 32.01 3.12
CA SER B 270 16.54 32.85 2.04
C SER B 270 17.23 34.09 2.61
N THR B 271 16.62 34.72 3.64
CA THR B 271 17.17 35.90 4.32
C THR B 271 18.47 35.51 5.04
N ILE B 272 18.46 34.36 5.76
CA ILE B 272 19.65 33.87 6.49
C ILE B 272 20.82 33.59 5.51
N LEU B 273 20.52 32.95 4.37
CA LEU B 273 21.53 32.65 3.33
C LEU B 273 22.13 33.93 2.77
N GLU B 274 21.28 34.94 2.51
CA GLU B 274 21.75 36.23 1.99
C GLU B 274 22.62 36.97 3.00
N GLU B 275 22.29 36.87 4.31
CA GLU B 275 23.07 37.49 5.39
C GLU B 275 24.45 36.83 5.49
N GLU B 276 24.53 35.49 5.34
CA GLU B 276 25.79 34.75 5.37
C GLU B 276 26.68 35.14 4.18
N LYS B 277 26.11 35.16 2.95
CA LYS B 277 26.81 35.55 1.71
C LYS B 277 27.38 36.97 1.82
N ALA B 278 26.60 37.92 2.42
CA ALA B 278 26.99 39.32 2.63
C ALA B 278 28.15 39.42 3.61
N GLN B 279 28.11 38.62 4.70
CA GLN B 279 29.17 38.54 5.72
C GLN B 279 30.48 38.07 5.05
N GLN B 280 30.36 37.18 4.05
CA GLN B 280 31.49 36.65 3.28
C GLN B 280 31.68 37.48 2.02
S1 PXK C . -19.95 -4.61 3.45
C2 PXK C . -18.53 -5.14 4.32
C3 PXK C . -17.50 -4.26 4.03
N4 PXK C . -17.87 -3.28 3.20
C5 PXK C . -19.08 -3.31 2.77
N6 PXK C . -16.39 -4.71 4.71
C7 PXK C . -16.73 -5.88 5.36
C8 PXK C . -18.04 -6.14 5.16
C9 PXK C . -18.80 -7.34 5.71
C10 PXK C . -19.97 -7.67 4.87
C11 PXK C . -20.90 -7.88 4.18
C12 PXK C . -22.06 -8.10 3.29
C13 PXK C . -23.20 -8.78 4.08
C14 PXK C . -22.56 -6.76 2.77
C15 PXK C . -21.68 -8.98 2.11
S SO4 D . -2.99 20.73 7.63
O1 SO4 D . -2.30 19.80 8.53
O2 SO4 D . -2.16 21.02 6.53
O3 SO4 D . -4.24 20.13 7.22
O4 SO4 D . -3.24 21.97 8.35
S1 PXK E . 19.26 7.48 -5.99
C2 PXK E . 20.95 7.40 -5.50
C3 PXK E . 21.66 8.26 -6.34
N4 PXK E . 20.90 8.86 -7.26
C5 PXK E . 19.62 8.60 -7.24
N6 PXK E . 22.98 8.25 -5.90
C7 PXK E . 23.07 7.40 -4.83
C8 PXK E . 21.86 6.87 -4.55
C9 PXK E . 21.58 5.86 -3.44
C10 PXK E . 20.27 6.06 -2.81
C11 PXK E . 19.24 6.25 -2.28
C12 PXK E . 17.95 6.54 -1.62
C13 PXK E . 17.32 5.24 -1.11
C14 PXK E . 18.18 7.51 -0.46
C15 PXK E . 17.02 7.20 -2.63
#